data_8YA3
#
_entry.id   8YA3
#
_cell.length_a   1.00
_cell.length_b   1.00
_cell.length_c   1.00
_cell.angle_alpha   90.00
_cell.angle_beta   90.00
_cell.angle_gamma   90.00
#
_symmetry.space_group_name_H-M   'P 1'
#
loop_
_entity.id
_entity.type
_entity.pdbx_description
1 polymer 'Protein translocase subunit SecY'
2 polymer 'Protein translocase subunit SecE'
3 polymer 'Cell division protein FtsQ,Lactose permease'
#
loop_
_entity_poly.entity_id
_entity_poly.type
_entity_poly.pdbx_seq_one_letter_code
_entity_poly.pdbx_strand_id
1 'polypeptide(L)'
;MFRTISNFMRVSDIRNKIIFTLLMLIVFRIGTFIPVPSVNTDVLKLQDQLNAFGVLNIFCGGALQNFSIFAMGVMPYITA
SIIVQLLQMDVVPKFAEWSKQGEMGRRKLAQFTRYFTIVLGFIQALGMSYGFNNLAGGMLIQNPGIGTYLLIAVVLTAGT
AFLMWLGEQITAKGVGNGISIIIFAGIVSGIPTILNQIYAQTFENVGEDLTLNIVRLLLVALAVVAVIVGVIYIQQAFRK
IPIQYAKRLEGRNPVGGHSTHLPLKVNPAGVIPVIFAVSFLIAPPTIASFFGTNDVTLWIRRTFDYTHPVGMTIYVVLII
AFTYFYAFVQVNPEQMADNLKKQGGYIPGIRPGKNTQEYVTRILYRLTLVGSLFLAFIAVLPVFFVNFANLPPSAQIGGT
SLLIVVGVALETMKQLESQLVKRHYRGFIK
;
Y
2 'polypeptide(L)' MQRVTNFFKEVVRELKKVSWPNRKELVNYTAVVLATVAFFTVFFAVIDLGISQLIRLVFEGGHHHHHHHH E
3 'polypeptide(L)' MAKKTILFLLTVLTTVLVSGWVVLGAQYEDGCSGVVILKTLHMFEVPFLLVGAFSISGDGDSPHSYHSGDGDKLPEGV B
#
# COMPACT_ATOMS: atom_id res chain seq x y z
N PHE A 2 -24.14 -14.67 -4.23
CA PHE A 2 -23.62 -15.14 -5.51
C PHE A 2 -23.10 -16.56 -5.39
N ARG A 3 -22.66 -17.13 -6.52
CA ARG A 3 -22.34 -18.55 -6.56
C ARG A 3 -21.04 -18.85 -5.85
N THR A 4 -19.98 -18.06 -6.14
CA THR A 4 -18.67 -18.34 -5.57
C THR A 4 -18.62 -18.14 -4.07
N ILE A 5 -19.39 -17.18 -3.54
CA ILE A 5 -19.41 -16.95 -2.11
C ILE A 5 -20.13 -18.09 -1.39
N SER A 6 -21.21 -18.59 -2.00
CA SER A 6 -21.89 -19.75 -1.44
C SER A 6 -21.02 -21.00 -1.50
N ASN A 7 -20.20 -21.12 -2.56
CA ASN A 7 -19.28 -22.24 -2.63
C ASN A 7 -18.12 -22.09 -1.65
N PHE A 8 -17.76 -20.86 -1.31
CA PHE A 8 -16.80 -20.65 -0.23
C PHE A 8 -17.37 -21.11 1.10
N MET A 9 -18.64 -20.78 1.35
CA MET A 9 -19.28 -21.20 2.59
C MET A 9 -19.55 -22.69 2.63
N ARG A 10 -19.66 -23.35 1.47
CA ARG A 10 -19.89 -24.79 1.47
C ARG A 10 -18.63 -25.56 1.83
N VAL A 11 -17.49 -25.13 1.31
CA VAL A 11 -16.23 -25.82 1.56
C VAL A 11 -15.80 -25.59 3.00
N SER A 12 -15.45 -26.68 3.70
CA SER A 12 -15.15 -26.60 5.12
C SER A 12 -13.89 -25.80 5.40
N ASP A 13 -12.86 -25.98 4.58
CA ASP A 13 -11.57 -25.35 4.86
C ASP A 13 -11.61 -23.85 4.59
N ILE A 14 -12.23 -23.44 3.49
CA ILE A 14 -12.32 -22.04 3.13
C ILE A 14 -13.21 -21.29 4.12
N ARG A 15 -14.32 -21.90 4.52
CA ARG A 15 -15.20 -21.29 5.51
C ARG A 15 -14.53 -21.20 6.88
N ASN A 16 -13.75 -22.23 7.23
CA ASN A 16 -13.04 -22.20 8.50
C ASN A 16 -11.99 -21.10 8.54
N LYS A 17 -11.22 -20.94 7.46
CA LYS A 17 -10.18 -19.92 7.49
C LYS A 17 -10.76 -18.51 7.33
N ILE A 18 -11.90 -18.36 6.64
CA ILE A 18 -12.48 -17.03 6.57
C ILE A 18 -13.15 -16.67 7.89
N ILE A 19 -13.62 -17.66 8.64
CA ILE A 19 -14.13 -17.40 9.99
C ILE A 19 -12.99 -16.98 10.91
N PHE A 20 -11.85 -17.64 10.77
CA PHE A 20 -10.69 -17.27 11.59
C PHE A 20 -10.18 -15.87 11.24
N THR A 21 -10.27 -15.49 9.97
CA THR A 21 -9.88 -14.15 9.56
C THR A 21 -10.82 -13.09 10.14
N LEU A 22 -12.13 -13.35 10.12
CA LEU A 22 -13.05 -12.41 10.74
C LEU A 22 -12.87 -12.33 12.24
N LEU A 23 -12.48 -13.43 12.89
CA LEU A 23 -12.21 -13.38 14.32
C LEU A 23 -10.96 -12.57 14.62
N MET A 24 -9.94 -12.67 13.77
CA MET A 24 -8.74 -11.87 13.98
C MET A 24 -9.02 -10.38 13.75
N LEU A 25 -9.93 -10.06 12.83
CA LEU A 25 -10.31 -8.66 12.68
C LEU A 25 -11.11 -8.16 13.88
N ILE A 26 -11.90 -9.04 14.51
CA ILE A 26 -12.55 -8.70 15.77
C ILE A 26 -11.51 -8.36 16.83
N VAL A 27 -10.46 -9.19 16.91
CA VAL A 27 -9.40 -8.98 17.90
C VAL A 27 -8.67 -7.66 17.63
N PHE A 28 -8.47 -7.32 16.36
CA PHE A 28 -7.86 -6.04 16.00
C PHE A 28 -8.73 -4.86 16.44
N ARG A 29 -10.05 -4.95 16.21
CA ARG A 29 -10.93 -3.86 16.59
C ARG A 29 -11.04 -3.72 18.11
N ILE A 30 -11.01 -4.85 18.82
CA ILE A 30 -10.98 -4.86 20.28
C ILE A 30 -9.75 -4.13 20.79
N GLY A 31 -8.60 -4.43 20.20
CA GLY A 31 -7.40 -3.72 20.60
C GLY A 31 -7.40 -2.26 20.21
N THR A 32 -8.15 -1.89 19.16
CA THR A 32 -8.30 -0.48 18.84
C THR A 32 -9.11 0.24 19.92
N PHE A 33 -10.13 -0.41 20.46
CA PHE A 33 -10.97 0.31 21.42
C PHE A 33 -10.42 0.31 22.85
N ILE A 34 -9.12 0.13 23.05
CA ILE A 34 -8.47 0.22 24.35
C ILE A 34 -7.50 1.40 24.29
N PRO A 35 -7.51 2.30 25.26
CA PRO A 35 -6.58 3.44 25.23
C PRO A 35 -5.27 3.14 25.94
N VAL A 36 -4.29 4.02 25.68
CA VAL A 36 -2.95 3.95 26.26
C VAL A 36 -3.10 4.41 27.71
N PRO A 37 -2.28 3.92 28.68
CA PRO A 37 -2.48 4.26 30.09
C PRO A 37 -2.44 5.73 30.50
N SER A 38 -1.33 6.42 30.26
CA SER A 38 -1.10 7.73 30.85
C SER A 38 -1.70 8.87 30.04
N VAL A 39 -2.69 8.59 29.21
CA VAL A 39 -3.27 9.59 28.32
C VAL A 39 -4.69 9.89 28.78
N ASN A 40 -5.08 11.17 28.70
CA ASN A 40 -6.41 11.56 29.12
C ASN A 40 -7.46 11.11 28.12
N THR A 41 -7.40 11.64 26.90
CA THR A 41 -8.27 11.40 25.74
C THR A 41 -9.74 11.70 25.99
N ASP A 42 -10.08 12.34 27.12
CA ASP A 42 -11.44 12.81 27.37
C ASP A 42 -11.60 14.27 26.98
N VAL A 43 -10.84 14.70 25.97
CA VAL A 43 -10.78 16.09 25.57
C VAL A 43 -11.34 16.21 24.17
N LEU A 44 -12.33 15.38 23.86
CA LEU A 44 -12.93 15.32 22.54
C LEU A 44 -13.73 16.58 22.20
N PHE A 59 -9.58 17.10 20.14
CA PHE A 59 -10.16 16.83 18.84
C PHE A 59 -9.81 17.93 17.85
N CYS A 60 -8.63 17.81 17.23
CA CYS A 60 -8.20 18.82 16.27
C CYS A 60 -8.84 18.58 14.90
N GLY A 61 -8.51 17.46 14.28
CA GLY A 61 -9.13 17.05 13.04
C GLY A 61 -8.49 15.78 12.51
N GLY A 62 -9.30 14.80 12.15
CA GLY A 62 -8.79 13.51 11.72
C GLY A 62 -8.13 12.68 12.79
N ALA A 63 -8.20 13.10 14.05
CA ALA A 63 -7.56 12.44 15.18
C ALA A 63 -8.59 11.74 16.04
N LEU A 64 -9.54 11.08 15.37
CA LEU A 64 -10.77 10.56 15.95
C LEU A 64 -10.54 9.58 17.08
N GLN A 65 -9.96 8.41 16.80
CA GLN A 65 -9.48 7.63 17.92
C GLN A 65 -8.00 7.90 18.11
N ASN A 66 -7.16 7.41 17.20
CA ASN A 66 -5.77 7.82 16.98
C ASN A 66 -4.82 7.73 18.17
N PHE A 67 -5.30 7.29 19.33
CA PHE A 67 -4.55 7.21 20.57
C PHE A 67 -4.84 5.87 21.24
N SER A 68 -4.75 4.82 20.46
CA SER A 68 -5.07 3.48 20.91
C SER A 68 -3.81 2.69 21.19
N ILE A 69 -3.96 1.41 21.48
CA ILE A 69 -2.80 0.53 21.57
C ILE A 69 -2.20 0.34 20.18
N PHE A 70 -3.04 0.34 19.15
CA PHE A 70 -2.61 0.20 17.76
C PHE A 70 -2.55 1.53 17.04
N ALA A 71 -2.26 2.61 17.76
CA ALA A 71 -2.21 3.93 17.12
C ALA A 71 -1.01 4.07 16.21
N MET A 72 0.04 3.29 16.45
CA MET A 72 1.12 3.22 15.49
C MET A 72 0.69 2.50 14.23
N GLY A 73 -0.26 1.56 14.36
CA GLY A 73 -0.66 0.78 13.22
C GLY A 73 0.45 -0.16 12.80
N VAL A 74 0.47 -0.50 11.52
CA VAL A 74 1.55 -1.28 10.95
C VAL A 74 2.45 -0.37 10.10
N MET A 75 2.39 0.94 10.34
CA MET A 75 3.30 1.92 9.77
C MET A 75 4.79 1.58 9.89
N PRO A 76 5.35 1.18 11.04
CA PRO A 76 6.79 0.92 11.06
C PRO A 76 7.18 -0.37 10.40
N TYR A 77 6.29 -1.34 10.25
CA TYR A 77 6.66 -2.54 9.51
C TYR A 77 6.76 -2.24 8.03
N ILE A 78 5.87 -1.42 7.51
CA ILE A 78 5.96 -1.01 6.12
C ILE A 78 7.19 -0.14 5.90
N THR A 79 7.51 0.72 6.87
CA THR A 79 8.69 1.57 6.72
C THR A 79 9.97 0.76 6.81
N ALA A 80 10.02 -0.23 7.70
CA ALA A 80 11.17 -1.11 7.77
C ALA A 80 11.29 -1.97 6.52
N SER A 81 10.17 -2.38 5.95
CA SER A 81 10.22 -3.19 4.74
C SER A 81 10.71 -2.39 3.55
N ILE A 82 10.26 -1.14 3.40
CA ILE A 82 10.76 -0.35 2.29
C ILE A 82 12.19 0.07 2.52
N ILE A 83 12.62 0.20 3.78
CA ILE A 83 14.03 0.55 4.03
C ILE A 83 14.93 -0.62 3.71
N VAL A 84 14.58 -1.81 4.20
CA VAL A 84 15.37 -3.02 3.95
C VAL A 84 15.37 -3.35 2.47
N GLN A 85 14.25 -3.11 1.80
CA GLN A 85 14.18 -3.30 0.36
C GLN A 85 15.04 -2.29 -0.38
N LEU A 86 15.14 -1.05 0.13
CA LEU A 86 15.97 -0.07 -0.53
C LEU A 86 17.44 -0.34 -0.31
N LEU A 87 17.81 -0.95 0.80
CA LEU A 87 19.23 -1.15 1.07
C LEU A 87 19.85 -2.26 0.24
N GLN A 88 19.04 -3.11 -0.40
CA GLN A 88 19.59 -4.26 -1.10
C GLN A 88 20.28 -3.89 -2.40
N MET A 89 19.99 -2.73 -2.98
CA MET A 89 20.58 -2.36 -4.27
C MET A 89 21.89 -1.60 -4.06
N ASP A 90 22.85 -2.34 -3.50
CA ASP A 90 24.25 -1.91 -3.33
C ASP A 90 24.37 -0.64 -2.47
N VAL A 91 23.94 -0.77 -1.22
CA VAL A 91 24.30 0.20 -0.20
C VAL A 91 24.91 -0.57 0.95
N VAL A 92 24.20 -1.60 1.40
CA VAL A 92 24.78 -2.55 2.34
C VAL A 92 25.06 -3.82 1.54
N PRO A 93 26.31 -4.11 1.21
CA PRO A 93 26.61 -5.33 0.44
C PRO A 93 26.34 -6.61 1.21
N LYS A 94 26.32 -6.56 2.54
CA LYS A 94 25.85 -7.70 3.32
C LYS A 94 24.39 -8.01 3.00
N PHE A 95 23.59 -6.98 2.75
CA PHE A 95 22.20 -7.19 2.40
C PHE A 95 22.05 -7.72 0.98
N ALA A 96 22.90 -7.26 0.06
CA ALA A 96 22.86 -7.78 -1.30
C ALA A 96 23.25 -9.25 -1.33
N GLU A 97 24.24 -9.63 -0.52
CA GLU A 97 24.61 -11.04 -0.46
C GLU A 97 23.60 -11.85 0.33
N TRP A 98 22.85 -11.22 1.23
CA TRP A 98 21.66 -11.88 1.77
C TRP A 98 20.64 -12.14 0.68
N SER A 99 20.49 -11.19 -0.25
CA SER A 99 19.50 -11.29 -1.30
C SER A 99 19.91 -12.27 -2.40
N LYS A 100 21.19 -12.59 -2.52
CA LYS A 100 21.63 -13.57 -3.50
C LYS A 100 21.92 -14.93 -2.89
N GLN A 101 21.63 -15.12 -1.60
CA GLN A 101 21.87 -16.39 -0.95
C GLN A 101 20.71 -17.36 -1.08
N GLY A 102 19.58 -16.91 -1.62
CA GLY A 102 18.45 -17.80 -1.75
C GLY A 102 17.44 -17.61 -0.64
N GLU A 103 16.71 -18.68 -0.31
CA GLU A 103 15.61 -18.57 0.65
C GLU A 103 16.12 -18.40 2.07
N MET A 104 17.29 -18.97 2.40
CA MET A 104 17.85 -18.79 3.73
C MET A 104 18.30 -17.35 3.95
N GLY A 105 18.89 -16.74 2.92
CA GLY A 105 19.21 -15.32 3.00
C GLY A 105 17.98 -14.44 3.10
N ARG A 106 16.89 -14.83 2.43
CA ARG A 106 15.64 -14.09 2.57
C ARG A 106 15.05 -14.26 3.95
N ARG A 107 15.24 -15.42 4.57
CA ARG A 107 14.80 -15.61 5.95
C ARG A 107 15.60 -14.75 6.91
N LYS A 108 16.90 -14.60 6.66
CA LYS A 108 17.71 -13.72 7.50
C LYS A 108 17.35 -12.25 7.27
N LEU A 109 16.99 -11.89 6.03
CA LEU A 109 16.51 -10.55 5.76
C LEU A 109 15.18 -10.29 6.45
N ALA A 110 14.31 -11.29 6.53
CA ALA A 110 13.05 -11.12 7.25
C ALA A 110 13.26 -11.02 8.74
N GLN A 111 14.25 -11.73 9.28
CA GLN A 111 14.58 -11.59 10.70
C GLN A 111 15.12 -10.19 11.00
N PHE A 112 15.97 -9.67 10.11
CA PHE A 112 16.42 -8.29 10.30
C PHE A 112 15.28 -7.31 10.12
N THR A 113 14.31 -7.63 9.27
CA THR A 113 13.13 -6.78 9.11
C THR A 113 12.31 -6.75 10.39
N ARG A 114 12.23 -7.88 11.09
CA ARG A 114 11.55 -7.91 12.39
C ARG A 114 12.28 -7.06 13.43
N TYR A 115 13.61 -7.15 13.46
CA TYR A 115 14.36 -6.31 14.40
C TYR A 115 14.22 -4.83 14.05
N PHE A 116 14.23 -4.52 12.75
CA PHE A 116 14.11 -3.14 12.30
C PHE A 116 12.72 -2.59 12.59
N THR A 117 11.68 -3.41 12.48
CA THR A 117 10.36 -2.85 12.75
C THR A 117 10.13 -2.67 14.25
N ILE A 118 10.77 -3.49 15.10
CA ILE A 118 10.68 -3.24 16.53
C ILE A 118 11.39 -1.94 16.88
N VAL A 119 12.58 -1.72 16.31
CA VAL A 119 13.36 -0.52 16.60
C VAL A 119 12.66 0.73 16.08
N LEU A 120 12.21 0.69 14.83
CA LEU A 120 11.56 1.85 14.23
C LEU A 120 10.19 2.11 14.83
N GLY A 121 9.51 1.06 15.30
CA GLY A 121 8.29 1.28 16.05
C GLY A 121 8.55 1.99 17.36
N PHE A 122 9.66 1.66 18.03
CA PHE A 122 10.01 2.38 19.25
C PHE A 122 10.32 3.84 18.97
N ILE A 123 11.08 4.11 17.91
CA ILE A 123 11.48 5.48 17.60
C ILE A 123 10.27 6.32 17.20
N GLN A 124 9.42 5.78 16.32
CA GLN A 124 8.23 6.51 15.91
C GLN A 124 7.22 6.61 17.03
N ALA A 125 7.24 5.67 17.99
CA ALA A 125 6.34 5.80 19.13
C ALA A 125 6.78 6.94 20.03
N LEU A 126 8.09 7.12 20.20
CA LEU A 126 8.60 8.25 20.97
C LEU A 126 8.23 9.57 20.29
N GLY A 127 8.46 9.65 18.98
CA GLY A 127 8.13 10.86 18.25
C GLY A 127 6.65 11.15 18.22
N MET A 128 5.84 10.10 18.07
CA MET A 128 4.39 10.26 18.02
C MET A 128 3.84 10.68 19.37
N SER A 129 4.40 10.16 20.45
CA SER A 129 3.93 10.56 21.78
C SER A 129 4.30 12.00 22.09
N TYR A 130 5.54 12.38 21.79
CA TYR A 130 5.95 13.76 22.05
C TYR A 130 5.20 14.74 21.14
N GLY A 131 4.81 14.32 19.94
CA GLY A 131 3.95 15.16 19.13
C GLY A 131 2.52 15.21 19.60
N PHE A 132 2.02 14.11 20.17
CA PHE A 132 0.65 14.09 20.66
C PHE A 132 0.50 14.97 21.89
N ASN A 133 1.52 15.00 22.75
CA ASN A 133 1.52 15.93 23.87
C ASN A 133 1.63 17.37 23.39
N ASN A 134 2.34 17.60 22.29
CA ASN A 134 2.49 18.92 21.72
C ASN A 134 1.24 19.42 21.01
N LEU A 135 0.24 18.56 20.82
CA LEU A 135 -0.89 18.86 19.97
C LEU A 135 -2.12 19.36 20.73
N ALA A 136 -2.54 18.62 21.76
CA ALA A 136 -3.78 18.96 22.45
C ALA A 136 -3.67 20.18 23.36
N GLY A 137 -2.47 20.69 23.57
CA GLY A 137 -2.24 21.76 24.51
C GLY A 137 -1.52 21.34 25.76
N GLY A 138 -0.81 20.21 25.75
CA GLY A 138 -0.10 19.71 26.90
C GLY A 138 -0.94 18.85 27.83
N MET A 139 -2.25 19.07 27.85
CA MET A 139 -3.14 18.36 28.77
C MET A 139 -3.55 17.00 28.28
N LEU A 140 -2.97 16.52 27.17
CA LEU A 140 -3.26 15.17 26.72
C LEU A 140 -2.60 14.15 27.63
N ILE A 141 -1.27 14.16 27.69
CA ILE A 141 -0.54 13.27 28.58
C ILE A 141 -0.58 13.86 29.98
N GLN A 142 -0.83 13.01 30.97
CA GLN A 142 -0.61 13.40 32.35
C GLN A 142 0.83 13.08 32.73
N ASN A 143 1.39 13.89 33.65
CA ASN A 143 2.78 13.99 34.10
C ASN A 143 3.78 13.82 32.96
N PRO A 144 3.91 14.80 32.06
CA PRO A 144 4.73 14.60 30.85
C PRO A 144 6.22 14.51 31.11
N GLY A 145 6.65 13.35 31.62
CA GLY A 145 8.04 13.06 31.83
C GLY A 145 8.57 12.07 30.81
N ILE A 146 9.88 11.82 30.91
CA ILE A 146 10.50 10.90 29.96
C ILE A 146 10.20 9.45 30.33
N GLY A 147 9.92 9.17 31.60
CA GLY A 147 9.62 7.81 32.02
C GLY A 147 8.31 7.30 31.46
N THR A 148 7.26 8.12 31.53
CA THR A 148 5.99 7.74 30.93
C THR A 148 6.05 7.76 29.41
N TYR A 149 6.94 8.55 28.82
CA TYR A 149 7.14 8.49 27.37
C TYR A 149 7.75 7.15 26.97
N LEU A 150 8.74 6.69 27.73
CA LEU A 150 9.32 5.37 27.50
C LEU A 150 8.28 4.28 27.72
N LEU A 151 7.41 4.47 28.71
CA LEU A 151 6.36 3.49 28.97
C LEU A 151 5.39 3.38 27.82
N ILE A 152 4.83 4.51 27.37
CA ILE A 152 3.83 4.43 26.30
C ILE A 152 4.48 4.15 24.95
N ALA A 153 5.77 4.41 24.78
CA ALA A 153 6.47 3.93 23.60
C ALA A 153 6.57 2.41 23.62
N VAL A 154 6.82 1.82 24.79
CA VAL A 154 6.82 0.36 24.91
C VAL A 154 5.43 -0.20 24.64
N VAL A 155 4.39 0.50 25.10
CA VAL A 155 3.01 0.07 24.85
C VAL A 155 2.69 0.09 23.36
N LEU A 156 3.10 1.16 22.66
CA LEU A 156 2.78 1.25 21.24
C LEU A 156 3.58 0.26 20.42
N THR A 157 4.83 0.01 20.80
CA THR A 157 5.61 -0.99 20.08
C THR A 157 5.11 -2.40 20.36
N ALA A 158 4.58 -2.63 21.56
CA ALA A 158 3.91 -3.90 21.84
C ALA A 158 2.64 -4.05 21.02
N GLY A 159 1.93 -2.94 20.79
CA GLY A 159 0.77 -2.99 19.91
C GLY A 159 1.12 -3.33 18.48
N THR A 160 2.21 -2.74 17.98
CA THR A 160 2.66 -3.06 16.63
C THR A 160 3.18 -4.49 16.53
N ALA A 161 3.85 -4.98 17.56
CA ALA A 161 4.34 -6.35 17.55
C ALA A 161 3.19 -7.36 17.61
N PHE A 162 2.15 -7.04 18.37
CA PHE A 162 0.97 -7.89 18.36
C PHE A 162 0.25 -7.82 17.03
N LEU A 163 0.30 -6.67 16.36
CA LEU A 163 -0.33 -6.57 15.05
C LEU A 163 0.43 -7.39 14.00
N MET A 164 1.76 -7.40 14.08
CA MET A 164 2.51 -8.25 13.15
C MET A 164 2.31 -9.72 13.46
N TRP A 165 2.17 -10.06 14.75
CA TRP A 165 1.86 -11.44 15.10
C TRP A 165 0.48 -11.84 14.61
N LEU A 166 -0.47 -10.90 14.65
CA LEU A 166 -1.79 -11.15 14.10
C LEU A 166 -1.74 -11.33 12.60
N GLY A 167 -0.87 -10.56 11.93
CA GLY A 167 -0.70 -10.74 10.50
C GLY A 167 -0.12 -12.09 10.14
N GLU A 168 0.85 -12.56 10.91
CA GLU A 168 1.41 -13.89 10.63
C GLU A 168 0.41 -14.99 10.96
N GLN A 169 -0.42 -14.80 11.99
CA GLN A 169 -1.46 -15.79 12.28
C GLN A 169 -2.53 -15.81 11.20
N ILE A 170 -2.88 -14.65 10.65
CA ILE A 170 -3.93 -14.57 9.64
C ILE A 170 -3.40 -14.82 8.24
N THR A 171 -2.08 -14.94 8.07
CA THR A 171 -1.59 -15.51 6.81
C THR A 171 -1.25 -16.98 6.94
N ALA A 172 -1.13 -17.51 8.16
CA ALA A 172 -0.91 -18.95 8.30
C ALA A 172 -2.23 -19.71 8.29
N LYS A 173 -3.12 -19.40 9.24
CA LYS A 173 -4.40 -20.09 9.35
C LYS A 173 -5.54 -19.31 8.73
N GLY A 174 -5.26 -18.18 8.08
CA GLY A 174 -6.29 -17.32 7.58
C GLY A 174 -6.35 -17.31 6.07
N VAL A 175 -6.93 -16.23 5.53
CA VAL A 175 -7.22 -16.20 4.11
C VAL A 175 -6.02 -15.86 3.25
N GLY A 176 -5.53 -14.64 3.37
CA GLY A 176 -4.58 -14.13 2.39
C GLY A 176 -3.33 -13.60 3.06
N ASN A 177 -2.88 -12.44 2.59
CA ASN A 177 -1.76 -11.78 3.23
C ASN A 177 -2.18 -11.25 4.59
N GLY A 178 -1.20 -11.10 5.47
CA GLY A 178 -1.54 -10.67 6.81
C GLY A 178 -1.62 -9.18 6.96
N ILE A 179 -0.50 -8.54 6.63
CA ILE A 179 -0.36 -7.10 6.75
C ILE A 179 -1.32 -6.39 5.82
N SER A 180 -1.59 -6.98 4.65
CA SER A 180 -2.52 -6.37 3.71
C SER A 180 -3.93 -6.39 4.26
N ILE A 181 -4.32 -7.49 4.90
CA ILE A 181 -5.65 -7.58 5.49
C ILE A 181 -5.78 -6.63 6.66
N ILE A 182 -4.71 -6.43 7.43
CA ILE A 182 -4.77 -5.52 8.56
C ILE A 182 -4.85 -4.06 8.12
N ILE A 183 -4.11 -3.70 7.06
CA ILE A 183 -4.18 -2.35 6.53
C ILE A 183 -5.55 -2.06 5.93
N PHE A 184 -6.10 -3.06 5.21
CA PHE A 184 -7.45 -2.97 4.70
C PHE A 184 -8.46 -2.82 5.82
N ALA A 185 -8.24 -3.51 6.93
CA ALA A 185 -9.13 -3.41 8.08
C ALA A 185 -9.08 -2.01 8.67
N GLY A 186 -7.90 -1.41 8.72
CA GLY A 186 -7.78 -0.05 9.21
C GLY A 186 -8.54 0.95 8.37
N ILE A 187 -8.41 0.84 7.04
CA ILE A 187 -9.08 1.79 6.15
C ILE A 187 -10.59 1.62 6.19
N VAL A 188 -11.07 0.39 6.07
CA VAL A 188 -12.52 0.20 6.01
C VAL A 188 -13.15 0.42 7.38
N SER A 189 -12.41 0.22 8.47
CA SER A 189 -12.94 0.62 9.76
C SER A 189 -12.92 2.13 9.94
N GLY A 190 -12.09 2.84 9.17
CA GLY A 190 -12.20 4.29 9.15
C GLY A 190 -13.34 4.81 8.30
N ILE A 191 -13.89 3.98 7.42
CA ILE A 191 -15.04 4.43 6.58
C ILE A 191 -16.29 4.85 7.36
N PRO A 192 -16.82 4.06 8.33
CA PRO A 192 -18.17 4.41 8.84
C PRO A 192 -18.27 5.68 9.66
N THR A 193 -17.20 6.10 10.32
CA THR A 193 -17.25 7.40 10.97
C THR A 193 -17.22 8.53 9.96
N ILE A 194 -16.64 8.31 8.78
CA ILE A 194 -16.70 9.28 7.71
C ILE A 194 -18.12 9.37 7.18
N LEU A 195 -18.80 8.22 7.09
CA LEU A 195 -20.19 8.22 6.66
C LEU A 195 -21.10 8.90 7.69
N ASN A 196 -20.78 8.73 8.98
CA ASN A 196 -21.55 9.41 10.02
C ASN A 196 -21.35 10.92 9.97
N GLN A 197 -20.11 11.37 9.70
CA GLN A 197 -19.85 12.79 9.52
C GLN A 197 -20.56 13.33 8.29
N ILE A 198 -20.68 12.53 7.23
CA ILE A 198 -21.41 12.94 6.04
C ILE A 198 -22.89 13.13 6.37
N TYR A 199 -23.49 12.14 7.04
CA TYR A 199 -24.91 12.19 7.33
C TYR A 199 -25.24 13.25 8.37
N ALA A 200 -24.29 13.57 9.26
CA ALA A 200 -24.52 14.66 10.19
C ALA A 200 -24.37 16.00 9.50
N GLN A 201 -23.46 16.11 8.54
CA GLN A 201 -23.27 17.38 7.85
C GLN A 201 -24.42 17.66 6.88
N THR A 202 -25.07 16.63 6.36
CA THR A 202 -26.19 16.81 5.46
C THR A 202 -27.12 15.60 5.51
N LEU A 212 -29.54 20.86 -3.08
CA LEU A 212 -28.73 20.31 -4.15
C LEU A 212 -27.56 19.52 -3.58
N ASN A 213 -27.58 19.35 -2.26
CA ASN A 213 -26.50 18.63 -1.58
C ASN A 213 -26.61 17.14 -1.84
N ILE A 214 -27.84 16.60 -1.89
CA ILE A 214 -28.03 15.16 -2.04
C ILE A 214 -27.62 14.69 -3.42
N VAL A 215 -27.98 15.45 -4.46
CA VAL A 215 -27.56 15.09 -5.80
C VAL A 215 -26.07 15.33 -5.97
N ARG A 216 -25.49 16.24 -5.20
CA ARG A 216 -24.05 16.44 -5.20
C ARG A 216 -23.34 15.21 -4.65
N LEU A 217 -23.83 14.69 -3.52
CA LEU A 217 -23.25 13.48 -2.93
C LEU A 217 -23.48 12.26 -3.81
N LEU A 218 -24.60 12.22 -4.52
CA LEU A 218 -24.83 11.12 -5.47
C LEU A 218 -23.87 11.19 -6.64
N LEU A 219 -23.57 12.40 -7.12
CA LEU A 219 -22.59 12.54 -8.19
C LEU A 219 -21.19 12.15 -7.71
N VAL A 220 -20.86 12.46 -6.46
CA VAL A 220 -19.59 12.02 -5.90
C VAL A 220 -19.53 10.50 -5.77
N ALA A 221 -20.66 9.87 -5.41
CA ALA A 221 -20.67 8.41 -5.32
C ALA A 221 -20.52 7.76 -6.70
N LEU A 222 -21.14 8.36 -7.72
CA LEU A 222 -20.96 7.89 -9.10
C LEU A 222 -19.51 8.05 -9.55
N ALA A 223 -18.88 9.17 -9.18
CA ALA A 223 -17.48 9.37 -9.52
C ALA A 223 -16.57 8.40 -8.76
N VAL A 224 -16.95 8.03 -7.55
CA VAL A 224 -16.18 7.05 -6.78
C VAL A 224 -16.23 5.68 -7.44
N VAL A 225 -17.42 5.26 -7.89
CA VAL A 225 -17.53 3.97 -8.54
C VAL A 225 -16.83 3.98 -9.90
N ALA A 226 -16.87 5.12 -10.60
CA ALA A 226 -16.14 5.23 -11.85
C ALA A 226 -14.64 5.19 -11.64
N VAL A 227 -14.17 5.76 -10.53
CA VAL A 227 -12.75 5.73 -10.22
C VAL A 227 -12.31 4.33 -9.81
N ILE A 228 -13.19 3.58 -9.14
CA ILE A 228 -12.90 2.19 -8.79
C ILE A 228 -12.77 1.34 -10.04
N VAL A 229 -13.66 1.56 -11.01
CA VAL A 229 -13.58 0.83 -12.28
C VAL A 229 -12.30 1.19 -13.03
N GLY A 230 -11.92 2.47 -13.02
CA GLY A 230 -10.67 2.87 -13.65
C GLY A 230 -9.45 2.30 -12.97
N VAL A 231 -9.50 2.18 -11.65
CA VAL A 231 -8.40 1.62 -10.88
C VAL A 231 -8.23 0.15 -11.20
N ILE A 232 -9.33 -0.61 -11.28
CA ILE A 232 -9.25 -2.02 -11.63
C ILE A 232 -8.78 -2.18 -13.07
N TYR A 233 -9.19 -1.29 -13.96
CA TYR A 233 -8.78 -1.38 -15.36
C TYR A 233 -7.29 -1.11 -15.52
N ILE A 234 -6.74 -0.14 -14.78
CA ILE A 234 -5.31 0.13 -14.87
C ILE A 234 -4.53 -0.97 -14.19
N GLN A 235 -4.98 -1.41 -13.02
CA GLN A 235 -4.16 -2.20 -12.12
C GLN A 235 -4.01 -3.64 -12.61
N GLN A 236 -5.09 -4.23 -13.11
CA GLN A 236 -5.07 -5.63 -13.53
C GLN A 236 -4.61 -5.80 -14.97
N ALA A 237 -3.90 -4.84 -15.52
CA ALA A 237 -3.44 -4.92 -16.89
C ALA A 237 -1.96 -5.27 -16.92
N PHE A 238 -1.58 -6.11 -17.88
CA PHE A 238 -0.21 -6.56 -18.03
C PHE A 238 0.27 -6.29 -19.44
N ARG A 239 1.54 -6.00 -19.56
CA ARG A 239 2.21 -6.05 -20.85
C ARG A 239 2.92 -7.39 -20.93
N LYS A 240 2.49 -8.25 -21.84
CA LYS A 240 3.02 -9.60 -21.91
C LYS A 240 4.14 -9.63 -22.93
N ILE A 241 5.38 -9.52 -22.46
CA ILE A 241 6.54 -9.69 -23.32
C ILE A 241 6.73 -11.17 -23.58
N PRO A 242 6.71 -11.62 -24.83
CA PRO A 242 6.87 -13.06 -25.09
C PRO A 242 8.32 -13.46 -24.90
N ILE A 243 8.53 -14.68 -24.41
CA ILE A 243 9.86 -15.17 -24.11
C ILE A 243 9.97 -16.59 -24.64
N GLN A 244 10.94 -16.81 -25.51
CA GLN A 244 11.31 -18.13 -25.96
C GLN A 244 12.39 -18.66 -25.02
N TYR A 245 12.48 -19.97 -24.90
CA TYR A 245 13.47 -20.59 -24.04
C TYR A 245 14.34 -21.51 -24.86
N ALA A 246 15.64 -21.48 -24.59
CA ALA A 246 16.60 -22.19 -25.42
C ALA A 246 16.74 -23.65 -25.02
N LYS A 247 16.59 -23.97 -23.73
CA LYS A 247 16.90 -25.30 -23.27
C LYS A 247 15.84 -26.31 -23.66
N ARG A 248 14.57 -25.95 -23.57
CA ARG A 248 13.48 -26.88 -23.83
C ARG A 248 12.91 -26.56 -25.21
N LEU A 249 13.20 -27.43 -26.17
CA LEU A 249 12.66 -27.26 -27.50
C LEU A 249 11.19 -27.67 -27.50
N GLU A 250 10.33 -26.79 -28.03
CA GLU A 250 8.91 -27.06 -28.14
C GLU A 250 8.69 -28.10 -29.23
N GLY A 251 8.94 -29.36 -28.88
CA GLY A 251 8.83 -30.45 -29.85
C GLY A 251 7.40 -30.80 -30.21
N ARG A 252 6.44 -30.40 -29.39
CA ARG A 252 5.03 -30.64 -29.65
C ARG A 252 4.32 -29.31 -29.82
N ASN A 253 3.45 -29.23 -30.83
CA ASN A 253 2.72 -28.01 -31.09
C ASN A 253 1.60 -27.87 -30.06
N PRO A 254 1.63 -26.87 -29.21
CA PRO A 254 0.64 -26.77 -28.14
C PRO A 254 -0.63 -26.07 -28.60
N VAL A 255 -1.53 -25.80 -27.65
CA VAL A 255 -2.70 -24.98 -27.94
C VAL A 255 -2.37 -23.49 -27.93
N GLY A 256 -1.18 -23.11 -27.46
CA GLY A 256 -0.72 -21.75 -27.54
C GLY A 256 -1.37 -20.76 -26.61
N GLY A 257 -2.33 -21.19 -25.77
CA GLY A 257 -3.04 -20.26 -24.92
C GLY A 257 -2.29 -19.87 -23.67
N HIS A 258 -1.34 -20.68 -23.24
CA HIS A 258 -0.62 -20.51 -21.99
C HIS A 258 0.88 -20.40 -22.22
N SER A 259 1.26 -19.69 -23.27
CA SER A 259 2.67 -19.58 -23.64
C SER A 259 3.42 -18.75 -22.61
N THR A 260 4.71 -19.06 -22.45
CA THR A 260 5.52 -18.40 -21.46
C THR A 260 5.79 -16.96 -21.85
N HIS A 261 5.67 -16.06 -20.88
CA HIS A 261 5.83 -14.65 -21.14
C HIS A 261 6.29 -13.99 -19.87
N LEU A 262 6.65 -12.71 -19.98
CA LEU A 262 7.10 -11.93 -18.83
C LEU A 262 6.15 -10.76 -18.64
N PRO A 263 5.20 -10.84 -17.72
CA PRO A 263 4.22 -9.76 -17.57
C PRO A 263 4.80 -8.60 -16.77
N LEU A 264 4.71 -7.41 -17.34
CA LEU A 264 5.05 -6.19 -16.63
C LEU A 264 3.76 -5.48 -16.27
N LYS A 265 3.65 -5.04 -15.03
CA LYS A 265 2.48 -4.28 -14.64
C LYS A 265 2.54 -2.88 -15.21
N VAL A 266 1.38 -2.26 -15.34
CA VAL A 266 1.33 -0.88 -15.79
C VAL A 266 1.77 0.07 -14.68
N ASN A 267 1.37 -0.23 -13.47
CA ASN A 267 1.82 0.52 -12.32
C ASN A 267 2.72 -0.37 -11.48
N PRO A 268 4.01 -0.47 -11.81
CA PRO A 268 4.85 -1.49 -11.16
C PRO A 268 5.20 -1.16 -9.74
N ALA A 269 5.09 0.10 -9.34
CA ALA A 269 5.43 0.47 -7.98
C ALA A 269 4.29 0.13 -7.02
N GLY A 270 3.15 0.74 -7.21
CA GLY A 270 2.06 0.58 -6.28
C GLY A 270 1.68 1.90 -5.67
N VAL A 271 1.86 2.04 -4.36
CA VAL A 271 1.58 3.29 -3.67
C VAL A 271 2.78 3.82 -2.90
N ILE A 272 3.91 3.11 -2.94
CA ILE A 272 5.19 3.56 -2.41
C ILE A 272 5.64 4.96 -2.89
N PRO A 273 5.46 5.35 -4.17
CA PRO A 273 5.85 6.72 -4.52
C PRO A 273 5.03 7.80 -3.84
N VAL A 274 3.81 7.51 -3.43
CA VAL A 274 3.04 8.46 -2.65
C VAL A 274 3.67 8.65 -1.28
N ILE A 275 4.22 7.57 -0.71
CA ILE A 275 4.89 7.68 0.58
C ILE A 275 6.15 8.52 0.46
N PHE A 276 6.92 8.32 -0.62
CA PHE A 276 8.12 9.13 -0.80
C PHE A 276 7.77 10.59 -1.08
N ALA A 277 6.69 10.85 -1.82
CA ALA A 277 6.32 12.22 -2.12
C ALA A 277 5.79 12.94 -0.89
N VAL A 278 5.01 12.26 -0.03
CA VAL A 278 4.57 12.95 1.17
C VAL A 278 5.69 13.10 2.18
N SER A 279 6.71 12.24 2.15
CA SER A 279 7.88 12.49 2.98
C SER A 279 8.61 13.75 2.53
N PHE A 280 8.82 13.88 1.21
CA PHE A 280 9.43 15.09 0.68
C PHE A 280 8.56 16.33 0.83
N LEU A 281 7.26 16.17 1.01
CA LEU A 281 6.39 17.32 1.13
C LEU A 281 6.03 17.68 2.55
N ILE A 282 6.32 16.84 3.53
CA ILE A 282 6.15 17.24 4.92
C ILE A 282 7.46 17.45 5.65
N ALA A 283 8.61 17.08 5.07
CA ALA A 283 9.84 17.33 5.81
C ALA A 283 10.22 18.81 5.96
N PRO A 284 10.13 19.68 4.93
CA PRO A 284 10.47 21.09 5.18
C PRO A 284 9.48 21.83 6.07
N PRO A 285 8.16 21.50 6.11
CA PRO A 285 7.36 22.11 7.19
C PRO A 285 7.78 21.71 8.59
N THR A 286 8.19 20.47 8.83
CA THR A 286 8.64 20.12 10.18
C THR A 286 9.98 20.75 10.51
N ILE A 287 10.89 20.87 9.54
CA ILE A 287 12.15 21.53 9.90
C ILE A 287 11.96 23.06 9.99
N ALA A 288 10.98 23.63 9.28
CA ALA A 288 10.73 25.06 9.40
C ALA A 288 9.97 25.39 10.66
N SER A 289 9.20 24.45 11.20
CA SER A 289 8.65 24.63 12.54
C SER A 289 9.69 24.33 13.60
N PHE A 290 10.72 23.54 13.27
CA PHE A 290 11.86 23.38 14.17
C PHE A 290 12.67 24.65 14.28
N PHE A 291 12.85 25.36 13.17
CA PHE A 291 13.65 26.58 13.18
C PHE A 291 13.05 27.67 14.08
N GLY A 292 11.73 27.79 14.00
CA GLY A 292 11.01 28.79 14.78
C GLY A 292 10.02 29.49 13.87
N THR A 293 9.51 30.63 14.31
CA THR A 293 8.57 31.37 13.46
C THR A 293 9.24 32.61 12.88
N ASN A 294 9.50 32.59 11.58
CA ASN A 294 9.99 33.75 10.85
C ASN A 294 9.05 34.00 9.67
N ASP A 295 9.46 34.86 8.73
CA ASP A 295 8.69 35.01 7.51
C ASP A 295 8.83 33.77 6.63
N VAL A 296 10.03 33.18 6.57
CA VAL A 296 10.24 32.03 5.71
C VAL A 296 9.56 30.78 6.26
N THR A 297 9.27 30.73 7.56
CA THR A 297 8.45 29.65 8.10
C THR A 297 7.03 29.75 7.56
N LEU A 298 6.48 30.95 7.52
CA LEU A 298 5.15 31.16 6.93
C LEU A 298 5.15 30.92 5.43
N TRP A 299 6.23 31.27 4.74
CA TRP A 299 6.30 31.02 3.31
C TRP A 299 6.40 29.53 3.01
N ILE A 300 7.17 28.80 3.80
CA ILE A 300 7.28 27.35 3.62
C ILE A 300 5.96 26.67 3.93
N ARG A 301 5.30 27.08 5.01
CA ARG A 301 4.03 26.48 5.34
C ARG A 301 2.91 26.88 4.37
N ARG A 302 3.04 27.99 3.68
CA ARG A 302 2.05 28.34 2.67
C ARG A 302 2.34 27.74 1.31
N THR A 303 3.60 27.45 1.02
CA THR A 303 3.95 26.96 -0.31
C THR A 303 4.09 25.46 -0.40
N PHE A 304 4.21 24.76 0.73
CA PHE A 304 4.29 23.30 0.73
C PHE A 304 3.01 22.68 1.28
N ASP A 305 1.89 23.33 1.05
CA ASP A 305 0.57 22.78 1.32
C ASP A 305 0.02 22.26 0.01
N TYR A 306 -0.16 20.94 -0.08
CA TYR A 306 -0.62 20.34 -1.33
C TYR A 306 -2.11 20.57 -1.58
N THR A 307 -2.84 21.14 -0.63
CA THR A 307 -4.21 21.56 -0.89
C THR A 307 -4.28 22.80 -1.75
N HIS A 308 -3.18 23.53 -1.91
CA HIS A 308 -3.06 24.75 -2.68
C HIS A 308 -2.28 24.49 -3.95
N PRO A 309 -2.55 25.22 -5.04
CA PRO A 309 -2.00 24.84 -6.34
C PRO A 309 -0.54 25.16 -6.57
N VAL A 310 0.22 25.51 -5.53
CA VAL A 310 1.67 25.57 -5.69
C VAL A 310 2.25 24.31 -5.02
N GLY A 311 1.56 23.79 -4.00
CA GLY A 311 2.02 22.58 -3.36
C GLY A 311 1.56 21.33 -4.08
N MET A 312 0.39 21.39 -4.71
CA MET A 312 -0.12 20.26 -5.45
C MET A 312 0.71 19.95 -6.69
N THR A 313 1.29 20.98 -7.31
CA THR A 313 2.11 20.75 -8.48
C THR A 313 3.44 20.11 -8.10
N ILE A 314 4.02 20.55 -6.98
CA ILE A 314 5.22 19.90 -6.45
C ILE A 314 4.91 18.47 -6.05
N TYR A 315 3.71 18.24 -5.52
CA TYR A 315 3.27 16.89 -5.15
C TYR A 315 3.18 15.98 -6.36
N VAL A 316 2.61 16.48 -7.46
CA VAL A 316 2.46 15.71 -8.68
C VAL A 316 3.82 15.41 -9.30
N VAL A 317 4.71 16.41 -9.32
CA VAL A 317 6.04 16.22 -9.90
C VAL A 317 6.86 15.23 -9.07
N LEU A 318 6.73 15.30 -7.75
CA LEU A 318 7.43 14.36 -6.89
C LEU A 318 6.89 12.95 -7.05
N ILE A 319 5.57 12.81 -7.25
CA ILE A 319 4.98 11.49 -7.47
C ILE A 319 5.47 10.88 -8.76
N ILE A 320 5.57 11.69 -9.83
CA ILE A 320 6.00 11.18 -11.13
C ILE A 320 7.47 10.77 -11.10
N ALA A 321 8.31 11.62 -10.50
CA ALA A 321 9.74 11.30 -10.42
C ALA A 321 9.98 10.08 -9.53
N PHE A 322 9.24 9.97 -8.45
CA PHE A 322 9.47 8.83 -7.57
C PHE A 322 8.88 7.55 -8.10
N THR A 323 7.84 7.60 -8.93
CA THR A 323 7.43 6.32 -9.50
C THR A 323 8.33 5.88 -10.62
N TYR A 324 8.99 6.82 -11.32
CA TYR A 324 10.00 6.38 -12.27
C TYR A 324 11.19 5.73 -11.56
N PHE A 325 11.65 6.36 -10.48
CA PHE A 325 12.75 5.77 -9.70
C PHE A 325 12.35 4.45 -9.08
N TYR A 326 11.15 4.36 -8.53
CA TYR A 326 10.80 3.15 -7.81
C TYR A 326 10.43 2.01 -8.73
N ALA A 327 9.92 2.28 -9.92
CA ALA A 327 9.72 1.19 -10.83
C ALA A 327 10.98 0.81 -11.58
N PHE A 328 12.02 1.64 -11.55
CA PHE A 328 13.31 1.12 -11.98
C PHE A 328 14.06 0.40 -10.89
N VAL A 329 13.69 0.63 -9.63
CA VAL A 329 14.16 -0.24 -8.57
C VAL A 329 13.45 -1.58 -8.62
N GLN A 330 12.14 -1.56 -8.88
CA GLN A 330 11.33 -2.76 -8.76
C GLN A 330 11.59 -3.73 -9.90
N VAL A 331 11.43 -3.27 -11.14
CA VAL A 331 11.63 -4.16 -12.29
C VAL A 331 13.11 -4.42 -12.50
N ASN A 332 13.92 -3.36 -12.52
CA ASN A 332 15.37 -3.38 -12.66
C ASN A 332 15.78 -4.07 -13.96
N PRO A 333 15.60 -3.41 -15.11
CA PRO A 333 15.73 -4.11 -16.40
C PRO A 333 17.12 -4.63 -16.70
N GLU A 334 18.16 -4.06 -16.10
CA GLU A 334 19.49 -4.64 -16.27
C GLU A 334 19.61 -5.96 -15.55
N GLN A 335 19.10 -6.03 -14.32
CA GLN A 335 19.17 -7.28 -13.58
C GLN A 335 18.23 -8.33 -14.16
N MET A 336 17.11 -7.91 -14.75
CA MET A 336 16.24 -8.91 -15.35
C MET A 336 16.76 -9.37 -16.70
N ALA A 337 17.50 -8.52 -17.43
CA ALA A 337 18.16 -8.99 -18.64
C ALA A 337 19.29 -9.94 -18.31
N ASP A 338 20.00 -9.67 -17.21
CA ASP A 338 21.04 -10.57 -16.73
C ASP A 338 20.43 -11.91 -16.30
N ASN A 339 19.29 -11.86 -15.63
CA ASN A 339 18.63 -13.10 -15.21
C ASN A 339 18.09 -13.88 -16.39
N LEU A 340 17.66 -13.20 -17.44
CA LEU A 340 17.19 -13.91 -18.63
C LEU A 340 18.34 -14.56 -19.36
N LYS A 341 19.46 -13.86 -19.52
CA LYS A 341 20.60 -14.45 -20.22
C LYS A 341 21.20 -15.59 -19.42
N LYS A 342 21.27 -15.44 -18.10
CA LYS A 342 22.00 -16.40 -17.28
C LYS A 342 21.31 -17.74 -17.16
N GLN A 343 20.02 -17.84 -17.46
CA GLN A 343 19.39 -19.14 -17.58
C GLN A 343 18.58 -19.20 -18.87
N GLY A 344 19.25 -19.44 -19.98
CA GLY A 344 18.47 -19.84 -21.12
C GLY A 344 17.87 -18.71 -21.92
N GLY A 345 16.63 -18.40 -21.58
CA GLY A 345 15.70 -17.76 -22.49
C GLY A 345 16.04 -16.35 -22.90
N TYR A 346 15.24 -15.86 -23.83
CA TYR A 346 15.45 -14.59 -24.49
C TYR A 346 14.12 -14.07 -24.96
N ILE A 347 14.13 -12.91 -25.58
CA ILE A 347 12.96 -12.33 -26.24
C ILE A 347 13.13 -12.56 -27.74
N PRO A 348 12.11 -13.08 -28.44
CA PRO A 348 12.29 -13.48 -29.84
C PRO A 348 12.63 -12.35 -30.79
N GLY A 349 13.84 -12.37 -31.32
CA GLY A 349 14.33 -11.35 -32.21
C GLY A 349 15.42 -10.48 -31.63
N ILE A 350 15.66 -10.55 -30.33
CA ILE A 350 16.51 -9.62 -29.62
C ILE A 350 17.60 -10.40 -28.90
N ARG A 351 18.85 -10.00 -29.09
CA ARG A 351 19.98 -10.68 -28.48
C ARG A 351 19.97 -10.49 -26.97
N PRO A 352 20.36 -11.49 -26.20
CA PRO A 352 20.04 -11.47 -24.76
C PRO A 352 21.01 -10.73 -23.88
N GLY A 353 21.86 -9.89 -24.44
CA GLY A 353 22.80 -9.18 -23.60
C GLY A 353 22.33 -7.79 -23.22
N LYS A 354 22.88 -6.80 -23.91
CA LYS A 354 22.49 -5.41 -23.69
C LYS A 354 21.15 -5.09 -24.34
N ASN A 355 20.80 -5.80 -25.40
CA ASN A 355 19.67 -5.38 -26.21
C ASN A 355 18.35 -5.70 -25.54
N THR A 356 18.26 -6.80 -24.79
CA THR A 356 17.06 -7.03 -24.02
C THR A 356 16.93 -6.03 -22.88
N GLN A 357 18.05 -5.55 -22.35
CA GLN A 357 17.97 -4.52 -21.32
C GLN A 357 17.42 -3.22 -21.89
N GLU A 358 17.90 -2.81 -23.06
CA GLU A 358 17.37 -1.58 -23.65
C GLU A 358 15.92 -1.76 -24.09
N TYR A 359 15.53 -2.96 -24.51
CA TYR A 359 14.17 -3.21 -24.93
C TYR A 359 13.21 -3.14 -23.75
N VAL A 360 13.53 -3.83 -22.65
CA VAL A 360 12.70 -3.81 -21.46
C VAL A 360 12.72 -2.42 -20.82
N THR A 361 13.81 -1.68 -20.98
CA THR A 361 13.85 -0.32 -20.45
C THR A 361 12.90 0.60 -21.22
N ARG A 362 12.80 0.45 -22.53
CA ARG A 362 11.90 1.31 -23.28
C ARG A 362 10.44 0.96 -23.02
N ILE A 363 10.13 -0.34 -22.93
CA ILE A 363 8.80 -0.77 -22.53
C ILE A 363 8.44 -0.21 -21.17
N LEU A 364 9.41 -0.22 -20.25
CA LEU A 364 9.16 0.28 -18.92
C LEU A 364 8.99 1.79 -18.91
N TYR A 365 9.65 2.52 -19.80
CA TYR A 365 9.47 3.97 -19.88
C TYR A 365 8.04 4.32 -20.26
N ARG A 366 7.50 3.62 -21.26
CA ARG A 366 6.12 3.90 -21.67
C ARG A 366 5.11 3.53 -20.59
N LEU A 367 5.25 2.32 -20.03
CA LEU A 367 4.29 1.89 -19.01
C LEU A 367 4.40 2.72 -17.74
N THR A 368 5.59 3.19 -17.39
CA THR A 368 5.70 3.98 -16.18
C THR A 368 5.15 5.37 -16.38
N LEU A 369 5.21 5.91 -17.61
CA LEU A 369 4.50 7.17 -17.85
C LEU A 369 3.02 7.03 -17.61
N VAL A 370 2.42 5.95 -18.11
CA VAL A 370 0.97 5.78 -17.95
C VAL A 370 0.60 5.55 -16.49
N GLY A 371 1.28 4.60 -15.83
CA GLY A 371 0.99 4.34 -14.42
C GLY A 371 1.36 5.51 -13.52
N SER A 372 2.32 6.31 -13.96
CA SER A 372 2.72 7.51 -13.23
C SER A 372 1.60 8.52 -13.20
N LEU A 373 1.06 8.85 -14.38
CA LEU A 373 -0.03 9.82 -14.44
C LEU A 373 -1.26 9.32 -13.71
N PHE A 374 -1.50 7.99 -13.77
CA PHE A 374 -2.61 7.40 -13.04
C PHE A 374 -2.45 7.59 -11.54
N LEU A 375 -1.25 7.31 -11.02
CA LEU A 375 -1.03 7.39 -9.58
C LEU A 375 -1.09 8.83 -9.10
N ALA A 376 -0.59 9.78 -9.90
CA ALA A 376 -0.65 11.18 -9.50
C ALA A 376 -2.08 11.70 -9.49
N PHE A 377 -2.88 11.31 -10.49
CA PHE A 377 -4.26 11.74 -10.54
C PHE A 377 -5.08 11.15 -9.39
N ILE A 378 -4.84 9.89 -9.06
CA ILE A 378 -5.51 9.27 -7.92
C ILE A 378 -5.10 9.94 -6.62
N ALA A 379 -3.82 10.30 -6.50
CA ALA A 379 -3.35 10.88 -5.25
C ALA A 379 -3.79 12.32 -5.06
N VAL A 380 -4.11 13.05 -6.13
CA VAL A 380 -4.62 14.41 -5.95
C VAL A 380 -6.13 14.51 -6.12
N LEU A 381 -6.81 13.40 -6.39
CA LEU A 381 -8.28 13.43 -6.46
C LEU A 381 -9.03 13.94 -5.23
N PRO A 382 -8.69 13.61 -3.98
CA PRO A 382 -9.53 14.12 -2.86
C PRO A 382 -9.43 15.61 -2.64
N VAL A 383 -8.38 16.26 -3.15
CA VAL A 383 -8.35 17.73 -3.15
C VAL A 383 -9.49 18.27 -4.01
N PHE A 384 -9.68 17.70 -5.18
CA PHE A 384 -10.81 18.09 -6.03
C PHE A 384 -12.11 17.44 -5.63
N PHE A 385 -12.12 16.56 -4.63
CA PHE A 385 -13.39 16.08 -4.11
C PHE A 385 -13.90 16.93 -2.96
N VAL A 386 -12.99 17.41 -2.10
CA VAL A 386 -13.41 18.28 -1.01
C VAL A 386 -13.84 19.64 -1.56
N ASN A 387 -13.17 20.12 -2.59
CA ASN A 387 -13.53 21.38 -3.21
C ASN A 387 -14.63 21.25 -4.25
N PHE A 388 -15.40 20.16 -4.24
CA PHE A 388 -16.59 20.07 -5.08
C PHE A 388 -17.77 19.59 -4.25
N ALA A 389 -17.50 18.75 -3.26
CA ALA A 389 -18.57 18.19 -2.45
C ALA A 389 -18.73 18.90 -1.11
N ASN A 390 -17.72 19.68 -0.71
CA ASN A 390 -17.64 20.33 0.60
C ASN A 390 -17.83 19.33 1.73
N LEU A 391 -17.12 18.21 1.61
CA LEU A 391 -17.10 17.17 2.59
C LEU A 391 -16.28 17.62 3.81
N PRO A 392 -16.33 16.87 4.91
CA PRO A 392 -15.32 17.03 5.95
C PRO A 392 -13.93 16.83 5.38
N PRO A 393 -12.98 17.71 5.73
CA PRO A 393 -11.66 17.66 5.09
C PRO A 393 -10.85 16.44 5.46
N SER A 394 -11.13 15.82 6.60
CA SER A 394 -10.41 14.62 7.01
C SER A 394 -10.98 13.35 6.39
N ALA A 395 -11.88 13.47 5.41
CA ALA A 395 -12.43 12.28 4.78
C ALA A 395 -11.39 11.62 3.87
N GLN A 396 -10.95 12.35 2.84
CA GLN A 396 -10.00 11.89 1.82
C GLN A 396 -10.47 10.60 1.16
N ILE A 397 -11.72 10.63 0.70
CA ILE A 397 -12.32 9.48 0.06
C ILE A 397 -12.00 9.53 -1.43
N GLY A 398 -11.43 8.45 -1.94
CA GLY A 398 -10.92 8.42 -3.30
C GLY A 398 -9.42 8.63 -3.42
N GLY A 399 -8.67 8.49 -2.35
CA GLY A 399 -7.23 8.69 -2.37
C GLY A 399 -6.48 7.45 -2.74
N THR A 400 -5.28 7.30 -2.18
CA THR A 400 -4.53 6.07 -2.35
C THR A 400 -5.01 4.97 -1.44
N SER A 401 -5.80 5.31 -0.43
CA SER A 401 -6.47 4.30 0.37
C SER A 401 -7.43 3.48 -0.47
N LEU A 402 -8.02 4.09 -1.50
CA LEU A 402 -8.81 3.36 -2.48
C LEU A 402 -7.96 2.34 -3.22
N LEU A 403 -6.73 2.71 -3.58
CA LEU A 403 -5.84 1.80 -4.28
C LEU A 403 -5.46 0.62 -3.40
N ILE A 404 -5.19 0.88 -2.13
CA ILE A 404 -4.83 -0.19 -1.21
C ILE A 404 -6.01 -1.12 -0.98
N VAL A 405 -7.22 -0.56 -0.84
CA VAL A 405 -8.41 -1.36 -0.61
C VAL A 405 -8.71 -2.25 -1.81
N VAL A 406 -8.60 -1.69 -3.02
CA VAL A 406 -8.88 -2.45 -4.24
C VAL A 406 -7.85 -3.55 -4.43
N GLY A 407 -6.58 -3.27 -4.18
CA GLY A 407 -5.55 -4.29 -4.32
C GLY A 407 -5.70 -5.43 -3.35
N VAL A 408 -6.03 -5.13 -2.09
CA VAL A 408 -6.19 -6.18 -1.10
C VAL A 408 -7.44 -7.01 -1.39
N ALA A 409 -8.53 -6.37 -1.81
CA ALA A 409 -9.75 -7.10 -2.12
C ALA A 409 -9.57 -8.04 -3.30
N LEU A 410 -8.95 -7.57 -4.37
CA LEU A 410 -8.77 -8.44 -5.53
C LEU A 410 -7.76 -9.54 -5.28
N GLU A 411 -6.71 -9.28 -4.50
CA GLU A 411 -5.75 -10.35 -4.22
C GLU A 411 -6.36 -11.41 -3.32
N THR A 412 -7.18 -10.99 -2.35
CA THR A 412 -7.82 -11.96 -1.47
C THR A 412 -8.84 -12.80 -2.22
N MET A 413 -9.59 -12.18 -3.16
CA MET A 413 -10.53 -12.94 -3.96
C MET A 413 -9.81 -13.93 -4.88
N LYS A 414 -8.67 -13.54 -5.44
CA LYS A 414 -7.92 -14.45 -6.29
C LYS A 414 -7.39 -15.63 -5.51
N GLN A 415 -6.92 -15.39 -4.28
CA GLN A 415 -6.45 -16.47 -3.43
C GLN A 415 -7.58 -17.44 -3.08
N LEU A 416 -8.76 -16.90 -2.79
CA LEU A 416 -9.90 -17.75 -2.46
C LEU A 416 -10.37 -18.55 -3.67
N GLU A 417 -10.33 -17.94 -4.86
CA GLU A 417 -10.71 -18.65 -6.07
C GLU A 417 -9.74 -19.79 -6.38
N SER A 418 -8.46 -19.58 -6.09
CA SER A 418 -7.48 -20.66 -6.27
C SER A 418 -7.76 -21.83 -5.32
N GLN A 419 -7.98 -21.52 -4.05
CA GLN A 419 -8.31 -22.60 -3.11
C GLN A 419 -9.66 -23.24 -3.39
N LEU A 420 -10.56 -22.54 -4.05
CA LEU A 420 -11.82 -23.15 -4.44
C LEU A 420 -11.63 -24.12 -5.59
N VAL A 421 -10.89 -23.65 -6.59
CA VAL A 421 -10.65 -24.33 -7.87
C VAL A 421 -9.95 -25.68 -7.86
N LYS A 422 -9.14 -25.96 -6.85
CA LYS A 422 -8.42 -27.22 -6.79
C LYS A 422 -9.37 -28.43 -6.75
N ARG A 423 -10.42 -28.25 -5.97
CA ARG A 423 -11.46 -29.25 -5.73
C ARG A 423 -12.18 -29.58 -7.02
N HIS A 424 -12.17 -28.62 -7.93
CA HIS A 424 -12.89 -28.82 -9.17
C HIS A 424 -12.10 -29.63 -10.18
N TYR A 425 -11.75 -30.84 -9.76
CA TYR A 425 -11.12 -31.79 -10.66
C TYR A 425 -12.13 -32.87 -11.01
N ARG A 426 -12.55 -32.91 -12.27
CA ARG A 426 -13.71 -33.71 -12.65
C ARG A 426 -13.31 -35.13 -13.07
N GLY A 427 -12.50 -35.25 -14.09
CA GLY A 427 -12.34 -36.58 -14.65
C GLY A 427 -13.36 -36.87 -15.72
N PHE A 428 -12.97 -37.70 -16.68
CA PHE A 428 -13.82 -37.90 -17.85
C PHE A 428 -14.96 -38.86 -17.60
N ILE A 429 -15.02 -39.52 -16.44
CA ILE A 429 -16.14 -40.41 -16.17
C ILE A 429 -17.32 -39.60 -15.65
N LYS A 430 -17.07 -38.71 -14.69
CA LYS A 430 -18.06 -37.80 -14.08
C LYS A 430 -19.27 -38.52 -13.51
N GLN B 2 10.23 18.08 -30.84
CA GLN B 2 10.05 17.11 -31.92
C GLN B 2 9.95 15.69 -31.39
N ARG B 3 10.89 15.32 -30.53
CA ARG B 3 10.98 13.96 -30.02
C ARG B 3 9.84 13.63 -29.07
N VAL B 4 9.23 14.65 -28.46
CA VAL B 4 8.17 14.43 -27.47
C VAL B 4 6.91 13.90 -28.15
N THR B 5 6.59 14.41 -29.33
CA THR B 5 5.43 13.92 -30.08
C THR B 5 5.63 12.49 -30.55
N ASN B 6 6.85 12.15 -30.97
CA ASN B 6 7.17 10.77 -31.33
C ASN B 6 7.09 9.86 -30.11
N PHE B 7 7.52 10.37 -28.95
CA PHE B 7 7.49 9.57 -27.73
C PHE B 7 6.07 9.31 -27.28
N PHE B 8 5.19 10.30 -27.40
CA PHE B 8 3.81 10.09 -27.01
C PHE B 8 3.08 9.21 -28.01
N LYS B 9 3.44 9.31 -29.30
CA LYS B 9 2.91 8.39 -30.30
C LYS B 9 3.32 6.96 -29.99
N GLU B 10 4.57 6.78 -29.54
CA GLU B 10 5.02 5.46 -29.13
C GLU B 10 4.34 5.00 -27.85
N VAL B 11 3.95 5.93 -26.98
CA VAL B 11 3.22 5.58 -25.77
C VAL B 11 1.84 5.01 -26.12
N VAL B 12 1.12 5.68 -27.02
CA VAL B 12 -0.18 5.16 -27.42
C VAL B 12 -0.04 3.89 -28.27
N ARG B 13 1.09 3.72 -28.95
CA ARG B 13 1.33 2.44 -29.60
C ARG B 13 1.61 1.34 -28.60
N GLU B 14 2.27 1.67 -27.49
CA GLU B 14 2.57 0.69 -26.47
C GLU B 14 1.32 0.29 -25.70
N LEU B 15 0.40 1.22 -25.51
CA LEU B 15 -0.82 0.92 -24.77
C LEU B 15 -1.75 -0.01 -25.52
N LYS B 16 -1.58 -0.14 -26.83
CA LYS B 16 -2.38 -1.08 -27.59
C LYS B 16 -1.86 -2.50 -27.51
N LYS B 17 -0.71 -2.72 -26.87
CA LYS B 17 -0.19 -4.05 -26.64
C LYS B 17 -0.41 -4.54 -25.21
N VAL B 18 -0.82 -3.65 -24.32
CA VAL B 18 -1.11 -4.04 -22.95
C VAL B 18 -2.35 -4.91 -22.94
N SER B 19 -2.36 -5.94 -22.10
CA SER B 19 -3.45 -6.90 -22.05
C SER B 19 -4.48 -6.43 -21.03
N TRP B 20 -5.35 -5.53 -21.47
CA TRP B 20 -6.40 -5.01 -20.62
C TRP B 20 -7.48 -6.08 -20.36
N PRO B 21 -8.13 -6.04 -19.20
CA PRO B 21 -9.24 -6.95 -18.96
C PRO B 21 -10.45 -6.57 -19.80
N ASN B 22 -11.30 -7.57 -20.07
CA ASN B 22 -12.47 -7.36 -20.90
C ASN B 22 -13.59 -6.71 -20.10
N ARG B 23 -14.80 -6.72 -20.64
CA ARG B 23 -15.93 -6.11 -19.93
C ARG B 23 -16.42 -6.99 -18.79
N LYS B 24 -16.48 -8.30 -19.01
CA LYS B 24 -17.16 -9.18 -18.07
C LYS B 24 -16.35 -9.38 -16.80
N GLU B 25 -15.05 -9.59 -16.93
CA GLU B 25 -14.22 -9.69 -15.74
C GLU B 25 -14.06 -8.34 -15.04
N LEU B 26 -14.20 -7.23 -15.78
CA LEU B 26 -14.18 -5.92 -15.13
C LEU B 26 -15.39 -5.73 -14.24
N VAL B 27 -16.58 -6.04 -14.75
CA VAL B 27 -17.77 -5.86 -13.90
C VAL B 27 -17.82 -6.93 -12.82
N ASN B 28 -17.22 -8.10 -13.04
CA ASN B 28 -17.14 -9.10 -11.99
C ASN B 28 -16.22 -8.66 -10.87
N TYR B 29 -15.04 -8.12 -11.23
CA TYR B 29 -14.10 -7.61 -10.23
C TYR B 29 -14.68 -6.43 -9.48
N THR B 30 -15.43 -5.57 -10.17
CA THR B 30 -16.06 -4.43 -9.51
C THR B 30 -17.13 -4.90 -8.54
N ALA B 31 -17.86 -5.95 -8.90
CA ALA B 31 -18.82 -6.54 -7.99
C ALA B 31 -18.13 -7.08 -6.74
N VAL B 32 -16.98 -7.73 -6.91
CA VAL B 32 -16.24 -8.27 -5.77
C VAL B 32 -15.76 -7.15 -4.85
N VAL B 33 -15.16 -6.10 -5.42
CA VAL B 33 -14.57 -5.08 -4.56
C VAL B 33 -15.66 -4.25 -3.89
N LEU B 34 -16.78 -3.99 -4.57
CA LEU B 34 -17.86 -3.23 -3.96
C LEU B 34 -18.57 -4.05 -2.90
N ALA B 35 -18.71 -5.35 -3.13
CA ALA B 35 -19.32 -6.23 -2.14
C ALA B 35 -18.46 -6.35 -0.90
N THR B 36 -17.13 -6.45 -1.07
CA THR B 36 -16.27 -6.58 0.09
C THR B 36 -16.16 -5.27 0.86
N VAL B 37 -16.15 -4.14 0.15
CA VAL B 37 -16.15 -2.83 0.82
C VAL B 37 -17.43 -2.65 1.62
N ALA B 38 -18.57 -3.00 1.04
CA ALA B 38 -19.85 -2.85 1.74
C ALA B 38 -19.95 -3.80 2.92
N PHE B 39 -19.50 -5.05 2.76
CA PHE B 39 -19.59 -6.02 3.84
C PHE B 39 -18.67 -5.65 4.99
N PHE B 40 -17.46 -5.20 4.70
CA PHE B 40 -16.57 -4.87 5.80
C PHE B 40 -16.93 -3.53 6.43
N THR B 41 -17.57 -2.64 5.69
CA THR B 41 -18.12 -1.42 6.28
C THR B 41 -19.20 -1.77 7.30
N VAL B 42 -20.15 -2.60 6.90
CA VAL B 42 -21.24 -2.98 7.80
C VAL B 42 -20.70 -3.79 8.97
N PHE B 43 -19.70 -4.63 8.71
CA PHE B 43 -19.07 -5.44 9.75
C PHE B 43 -18.41 -4.59 10.81
N PHE B 44 -17.57 -3.63 10.39
CA PHE B 44 -16.85 -2.81 11.36
C PHE B 44 -17.78 -1.85 12.07
N ALA B 45 -18.84 -1.38 11.39
CA ALA B 45 -19.82 -0.52 12.06
C ALA B 45 -20.57 -1.27 13.14
N VAL B 46 -21.01 -2.50 12.82
CA VAL B 46 -21.74 -3.33 13.78
C VAL B 46 -20.88 -3.67 14.98
N ILE B 47 -19.61 -4.02 14.74
CA ILE B 47 -18.77 -4.41 15.86
C ILE B 47 -18.35 -3.20 16.69
N ASP B 48 -18.18 -2.03 16.06
CA ASP B 48 -17.88 -0.82 16.82
C ASP B 48 -19.04 -0.43 17.72
N LEU B 49 -20.27 -0.47 17.21
CA LEU B 49 -21.44 -0.16 18.03
C LEU B 49 -21.62 -1.18 19.15
N GLY B 50 -21.42 -2.46 18.85
CA GLY B 50 -21.63 -3.50 19.85
C GLY B 50 -20.62 -3.44 20.98
N ILE B 51 -19.34 -3.28 20.65
CA ILE B 51 -18.36 -3.22 21.73
C ILE B 51 -18.36 -1.87 22.41
N SER B 52 -18.86 -0.80 21.77
CA SER B 52 -19.02 0.44 22.51
C SER B 52 -20.14 0.33 23.54
N GLN B 53 -21.24 -0.34 23.17
CA GLN B 53 -22.30 -0.60 24.15
C GLN B 53 -21.81 -1.54 25.24
N LEU B 54 -20.95 -2.49 24.89
CA LEU B 54 -20.39 -3.39 25.90
C LEU B 54 -19.46 -2.65 26.86
N ILE B 55 -18.68 -1.70 26.35
CA ILE B 55 -17.78 -0.93 27.19
C ILE B 55 -18.58 -0.02 28.12
N ARG B 56 -19.62 0.64 27.58
CA ARG B 56 -20.48 1.48 28.42
C ARG B 56 -21.32 0.66 29.39
N LEU B 57 -21.47 -0.64 29.15
CA LEU B 57 -22.10 -1.50 30.16
C LEU B 57 -21.11 -1.91 31.24
N VAL B 58 -19.88 -2.28 30.87
CA VAL B 58 -18.96 -2.84 31.86
C VAL B 58 -18.30 -1.74 32.70
N PHE B 59 -18.20 -0.52 32.17
CA PHE B 59 -17.44 0.61 32.75
C PHE B 59 -16.00 0.22 33.08
N ALA C 2 25.70 8.75 -9.63
CA ALA C 2 25.36 7.34 -9.59
C ALA C 2 23.96 7.14 -9.00
N LYS C 3 23.73 5.95 -8.46
CA LYS C 3 22.45 5.63 -7.86
C LYS C 3 22.52 5.33 -6.37
N LYS C 4 23.71 5.17 -5.79
CA LYS C 4 23.82 5.01 -4.35
C LYS C 4 23.45 6.29 -3.62
N THR C 5 23.74 7.45 -4.22
CA THR C 5 23.48 8.73 -3.57
C THR C 5 21.97 8.99 -3.47
N ILE C 6 21.25 8.82 -4.58
CA ILE C 6 19.81 9.05 -4.57
C ILE C 6 19.11 8.01 -3.71
N LEU C 7 19.65 6.79 -3.64
CA LEU C 7 19.07 5.75 -2.81
C LEU C 7 19.24 6.08 -1.33
N PHE C 8 20.40 6.60 -0.93
CA PHE C 8 20.54 6.97 0.47
C PHE C 8 19.81 8.26 0.80
N LEU C 9 19.62 9.14 -0.19
CA LEU C 9 18.79 10.32 0.03
C LEU C 9 17.34 9.93 0.28
N LEU C 10 16.84 8.96 -0.49
CA LEU C 10 15.49 8.44 -0.28
C LEU C 10 15.36 7.78 1.08
N THR C 11 16.38 7.03 1.49
CA THR C 11 16.29 6.34 2.78
C THR C 11 16.34 7.30 3.95
N VAL C 12 17.18 8.34 3.87
CA VAL C 12 17.23 9.28 4.98
C VAL C 12 15.96 10.13 5.01
N LEU C 13 15.33 10.36 3.86
CA LEU C 13 14.07 11.10 3.89
C LEU C 13 12.91 10.26 4.43
N THR C 14 12.90 8.95 4.16
CA THR C 14 11.83 8.16 4.76
C THR C 14 12.08 7.93 6.26
N THR C 15 13.33 7.96 6.72
CA THR C 15 13.51 7.95 8.17
C THR C 15 13.15 9.30 8.78
N VAL C 16 13.23 10.37 8.00
CA VAL C 16 12.69 11.64 8.47
C VAL C 16 11.16 11.57 8.54
N LEU C 17 10.53 10.78 7.67
CA LEU C 17 9.10 10.47 7.84
C LEU C 17 8.84 9.72 9.14
N VAL C 18 9.76 8.84 9.55
CA VAL C 18 9.59 8.14 10.83
C VAL C 18 9.61 9.12 12.00
N SER C 19 10.47 10.13 11.95
CA SER C 19 10.54 11.15 12.99
C SER C 19 9.95 12.46 12.50
N GLY C 20 8.85 12.39 11.76
CA GLY C 20 8.16 13.57 11.31
C GLY C 20 7.04 13.96 12.25
N TRP C 21 7.22 13.65 13.53
CA TRP C 21 6.26 14.00 14.56
C TRP C 21 6.90 14.78 15.70
N VAL C 22 8.06 15.41 15.47
CA VAL C 22 8.64 16.24 16.50
C VAL C 22 7.82 17.50 16.68
N VAL C 23 7.06 17.90 15.67
CA VAL C 23 6.01 18.90 15.82
C VAL C 23 4.71 18.30 15.29
N LEU C 24 3.63 18.58 15.99
CA LEU C 24 2.30 18.23 15.49
C LEU C 24 1.41 19.46 15.61
N GLY C 25 1.69 20.27 16.62
CA GLY C 25 0.96 21.51 16.80
C GLY C 25 1.37 22.57 15.81
N ALA C 26 0.45 22.90 14.89
CA ALA C 26 0.64 23.86 13.79
C ALA C 26 1.87 23.54 12.94
N GLY C 31 -5.81 23.70 14.78
CA GLY C 31 -5.08 22.45 14.97
C GLY C 31 -5.04 21.59 13.73
N CYS C 32 -6.02 21.78 12.85
CA CYS C 32 -6.13 21.03 11.60
C CYS C 32 -5.93 21.98 10.43
N SER C 33 -4.96 21.66 9.59
CA SER C 33 -4.61 22.46 8.43
C SER C 33 -4.08 21.51 7.36
N GLY C 34 -3.35 22.05 6.39
CA GLY C 34 -2.74 21.21 5.37
C GLY C 34 -1.57 20.39 5.91
N VAL C 35 -1.88 19.39 6.73
CA VAL C 35 -0.90 18.51 7.33
C VAL C 35 -1.26 17.09 6.92
N VAL C 36 -0.28 16.36 6.40
CA VAL C 36 -0.56 15.08 5.74
C VAL C 36 -0.16 13.89 6.60
N ILE C 37 0.44 14.14 7.76
CA ILE C 37 1.08 13.06 8.51
C ILE C 37 0.02 12.16 9.14
N LEU C 38 -1.00 12.75 9.74
CA LEU C 38 -2.13 11.97 10.20
C LEU C 38 -2.90 11.36 9.05
N LYS C 39 -2.84 12.00 7.87
CA LYS C 39 -3.40 11.38 6.68
C LYS C 39 -2.51 10.27 6.17
N THR C 40 -1.18 10.41 6.31
CA THR C 40 -0.29 9.36 5.83
C THR C 40 -0.18 8.20 6.79
N LEU C 41 -0.89 8.26 7.91
CA LEU C 41 -1.11 7.07 8.74
C LEU C 41 -1.83 5.93 7.99
N HIS C 42 -2.53 6.21 6.88
CA HIS C 42 -3.31 5.21 6.17
C HIS C 42 -3.06 5.26 4.67
N MET C 43 -1.80 5.35 4.25
CA MET C 43 -1.46 5.08 2.84
C MET C 43 -0.21 4.21 2.81
N PHE C 44 -0.39 2.92 2.93
CA PHE C 44 0.70 1.97 2.87
C PHE C 44 0.21 0.68 2.27
N GLU C 45 1.08 0.01 1.55
CA GLU C 45 0.89 -1.39 1.24
C GLU C 45 2.21 -2.06 1.53
N VAL C 46 2.17 -3.37 1.75
CA VAL C 46 3.41 -4.11 1.87
C VAL C 46 4.06 -4.10 0.49
N PRO C 47 5.29 -3.62 0.39
CA PRO C 47 5.93 -3.55 -0.92
C PRO C 47 6.28 -4.95 -1.40
N PHE C 48 6.13 -5.15 -2.70
CA PHE C 48 6.36 -6.48 -3.24
C PHE C 48 7.85 -6.79 -3.24
N LEU C 49 8.15 -8.08 -3.13
CA LEU C 49 9.52 -8.54 -3.06
C LEU C 49 10.22 -8.37 -4.41
N LEU C 50 11.53 -8.51 -4.40
CA LEU C 50 12.31 -8.42 -5.61
C LEU C 50 12.72 -9.81 -6.08
N VAL C 51 13.09 -9.89 -7.36
CA VAL C 51 13.44 -11.14 -8.01
C VAL C 51 14.92 -11.12 -8.35
N ASP C 61 20.51 -27.93 -12.56
CA ASP C 61 21.23 -28.99 -13.27
C ASP C 61 20.39 -29.42 -14.46
N SER C 62 20.74 -30.56 -15.05
CA SER C 62 20.16 -31.06 -16.28
C SER C 62 19.27 -32.25 -15.98
N PRO C 63 18.07 -32.30 -16.56
CA PRO C 63 17.15 -33.38 -16.25
C PRO C 63 17.48 -34.62 -17.06
N HIS C 64 16.86 -35.72 -16.66
CA HIS C 64 17.08 -37.00 -17.31
C HIS C 64 15.81 -37.82 -17.20
N SER C 65 15.82 -39.00 -17.81
CA SER C 65 14.63 -39.80 -17.92
C SER C 65 15.01 -41.23 -18.24
N TYR C 66 14.16 -42.16 -17.84
CA TYR C 66 14.47 -43.58 -17.95
C TYR C 66 13.84 -44.16 -19.20
N HIS C 67 14.66 -44.45 -20.19
CA HIS C 67 14.17 -45.08 -21.39
C HIS C 67 13.96 -46.56 -21.13
N SER C 68 12.72 -47.01 -21.21
CA SER C 68 12.38 -48.40 -20.90
C SER C 68 12.85 -49.29 -22.04
N GLY C 69 14.10 -49.74 -21.96
CA GLY C 69 14.68 -50.57 -22.99
C GLY C 69 14.16 -51.99 -23.00
#